data_6AD3
#
_entry.id   6AD3
#
_cell.length_a   51.101
_cell.length_b   64.042
_cell.length_c   173.196
_cell.angle_alpha   90.000
_cell.angle_beta   90.000
_cell.angle_gamma   90.000
#
_symmetry.space_group_name_H-M   'P 21 2 21'
#
loop_
_entity.id
_entity.type
_entity.pdbx_description
1 polymer 'Lovastatin nonaketide synthase mokA'
2 water water
#
_entity_poly.entity_id   1
_entity_poly.type   'polypeptide(L)'
_entity_poly.pdbx_seq_one_letter_code
;MGSSHHHHHHSSGLVPRGSHMLVAASEGGAETSDNDTSGPEGTDLSASTTITEPSSADEEDEKQEDDNDNSVLALHPLSL
GQEYAWRLQKAADDSTIFNNTIGMFMTGSIDAKRLSKALRAVLRRHEIFRTGFAAVGNNADATSLAQIVFGRTKNKVQVI
QVADRAGAEEGYWQLVQTQYDITAGDTLRLVDFFWGKDEHLFVVAYHRFVGDGSTTENIFVEASQLYGGVTLDKHVPQFA
DLATRQREALESGQMDADLAYWESMHHQPTGVVSPVLPRMLLGEDGLNSPNHARQPNSWKQHEAIARLDPMVAFRIRERS
RKHKATPMQFYLAAYHVLLARLTGSSDFSIGLADTNRTNVDELAGMGFFANLLPLRFRNFVPHITFGEHLVATKDKVREA
MQHARVPYGVLLERLGFEVPGATAETAEPAPLFQAVFDYKQGQAESGSIGSAKMTEVIATRERTPYDVVLEMSDDPTKDP
LLTVKLQSSVYEVHHPRAFLESYISILSMFSMNPALKLA
;
_entity_poly.pdbx_strand_id   A
#
# COMPACT_ATOMS: atom_id res chain seq x y z
N ASN A 70 21.19 13.58 -22.04
CA ASN A 70 21.20 14.77 -21.14
C ASN A 70 21.98 14.53 -19.86
N SER A 71 21.94 15.50 -18.96
CA SER A 71 22.90 15.58 -17.89
C SER A 71 22.54 14.61 -16.77
N VAL A 72 23.57 14.07 -16.12
CA VAL A 72 23.40 13.43 -14.83
C VAL A 72 23.79 14.40 -13.74
N LEU A 73 22.85 14.68 -12.85
CA LEU A 73 23.11 15.62 -11.76
C LEU A 73 23.84 14.94 -10.59
N ALA A 74 23.42 13.74 -10.21
CA ALA A 74 23.97 13.12 -9.03
C ALA A 74 23.65 11.64 -9.02
N LEU A 75 24.41 10.92 -8.20
CA LEU A 75 24.19 9.52 -7.94
C LEU A 75 23.92 9.35 -6.44
N HIS A 76 23.10 8.35 -6.11
CA HIS A 76 22.73 8.05 -4.71
C HIS A 76 22.50 6.57 -4.56
N PRO A 77 22.74 6.05 -3.37
CA PRO A 77 22.26 4.70 -3.04
C PRO A 77 20.73 4.63 -3.08
N LEU A 78 20.17 3.43 -3.29
CA LEU A 78 18.76 3.18 -3.03
C LEU A 78 18.40 3.56 -1.58
N SER A 79 17.20 4.06 -1.39
CA SER A 79 16.65 4.16 -0.05
C SER A 79 16.53 2.76 0.53
N LEU A 80 16.35 2.68 1.83
CA LEU A 80 16.22 1.40 2.51
C LEU A 80 14.98 0.62 1.93
N GLY A 81 13.87 1.31 1.79
CA GLY A 81 12.66 0.74 1.21
C GLY A 81 12.85 0.33 -0.22
N GLN A 82 13.50 1.18 -1.03
CA GLN A 82 13.82 0.77 -2.42
C GLN A 82 14.67 -0.49 -2.46
N GLU A 83 15.65 -0.60 -1.55
CA GLU A 83 16.56 -1.71 -1.57
C GLU A 83 15.87 -3.05 -1.30
N TYR A 84 14.95 -3.08 -0.32
CA TYR A 84 14.23 -4.33 -0.04
C TYR A 84 13.28 -4.66 -1.21
N ALA A 85 12.65 -3.66 -1.74
CA ALA A 85 11.80 -3.84 -2.88
C ALA A 85 12.59 -4.38 -4.10
N TRP A 86 13.81 -3.90 -4.28
CA TRP A 86 14.67 -4.41 -5.36
C TRP A 86 14.94 -5.91 -5.16
N ARG A 87 15.14 -6.33 -3.91
CA ARG A 87 15.37 -7.76 -3.65
C ARG A 87 14.14 -8.56 -3.96
N LEU A 88 12.94 -8.03 -3.65
CA LEU A 88 11.70 -8.73 -4.02
C LEU A 88 11.64 -8.84 -5.52
N GLN A 89 11.95 -7.74 -6.22
CA GLN A 89 11.79 -7.73 -7.66
C GLN A 89 12.74 -8.75 -8.30
N LYS A 90 13.96 -8.78 -7.80
CA LYS A 90 14.96 -9.74 -8.30
C LYS A 90 14.55 -11.19 -8.10
N ALA A 91 13.89 -11.49 -6.99
CA ALA A 91 13.50 -12.85 -6.68
C ALA A 91 12.28 -13.33 -7.49
N ALA A 92 11.50 -12.39 -8.04
CA ALA A 92 10.32 -12.71 -8.82
C ALA A 92 10.70 -13.17 -10.20
N ASP A 93 9.88 -14.08 -10.74
CA ASP A 93 9.98 -14.50 -12.16
C ASP A 93 9.79 -13.33 -13.11
N ASP A 94 8.80 -12.49 -12.81
CA ASP A 94 8.37 -11.42 -13.71
C ASP A 94 7.99 -10.20 -12.88
N SER A 95 8.80 -9.17 -12.92
CA SER A 95 8.57 -8.04 -12.04
C SER A 95 7.44 -7.09 -12.53
N THR A 96 6.80 -7.42 -13.66
CA THR A 96 5.61 -6.73 -14.10
C THR A 96 4.50 -6.79 -13.02
N ILE A 97 4.55 -7.82 -12.19
CA ILE A 97 3.53 -7.98 -11.12
C ILE A 97 3.65 -6.89 -10.07
N PHE A 98 4.75 -6.13 -10.08
CA PHE A 98 4.97 -5.07 -9.09
C PHE A 98 4.68 -3.68 -9.66
N ASN A 99 4.04 -3.65 -10.81
CA ASN A 99 3.49 -2.41 -11.31
C ASN A 99 2.37 -1.90 -10.39
N ASN A 100 2.18 -0.58 -10.39
CA ASN A 100 1.06 0.04 -9.67
C ASN A 100 0.34 0.98 -10.59
N THR A 101 -0.98 0.90 -10.62
CA THR A 101 -1.77 1.64 -11.59
C THR A 101 -3.09 2.13 -11.00
N ILE A 102 -3.25 3.45 -10.92
CA ILE A 102 -4.40 4.07 -10.25
C ILE A 102 -5.14 4.92 -11.27
N GLY A 103 -6.40 4.55 -11.56
CA GLY A 103 -7.22 5.30 -12.54
C GLY A 103 -8.36 6.06 -11.86
N MET A 104 -8.47 7.34 -12.15
CA MET A 104 -9.55 8.13 -11.63
C MET A 104 -10.47 8.59 -12.76
N PHE A 105 -11.67 8.07 -12.74
CA PHE A 105 -12.73 8.52 -13.67
C PHE A 105 -13.18 9.90 -13.23
N MET A 106 -13.24 10.85 -14.19
CA MET A 106 -13.73 12.18 -13.89
C MET A 106 -14.51 12.74 -15.04
N THR A 107 -15.44 13.63 -14.72
CA THR A 107 -16.38 14.14 -15.69
C THR A 107 -16.35 15.65 -15.66
N GLY A 108 -16.04 16.28 -16.79
CA GLY A 108 -15.96 17.72 -16.82
C GLY A 108 -14.77 18.20 -17.62
N SER A 109 -14.78 19.50 -17.94
CA SER A 109 -13.80 20.04 -18.85
C SER A 109 -12.36 20.06 -18.29
N ILE A 110 -11.44 19.46 -19.04
CA ILE A 110 -10.02 19.60 -18.80
C ILE A 110 -9.32 19.90 -20.11
N ASP A 111 -8.65 21.03 -20.15
CA ASP A 111 -7.90 21.42 -21.33
C ASP A 111 -6.62 20.59 -21.43
N ALA A 112 -6.40 19.95 -22.57
CA ALA A 112 -5.28 19.01 -22.74
C ALA A 112 -3.94 19.69 -22.59
N LYS A 113 -3.79 20.83 -23.25
CA LYS A 113 -2.51 21.53 -23.24
C LYS A 113 -2.17 22.02 -21.84
N ARG A 114 -3.16 22.53 -21.12
CA ARG A 114 -2.92 23.01 -19.76
C ARG A 114 -2.59 21.87 -18.81
N LEU A 115 -3.32 20.76 -18.93
CA LEU A 115 -3.05 19.59 -18.10
C LEU A 115 -1.66 19.04 -18.40
N SER A 116 -1.31 18.89 -19.67
CA SER A 116 -0.04 18.31 -19.99
C SER A 116 1.13 19.22 -19.53
N LYS A 117 0.95 20.53 -19.59
CA LYS A 117 1.93 21.45 -19.07
C LYS A 117 2.08 21.33 -17.55
N ALA A 118 0.95 21.18 -16.88
CA ALA A 118 0.96 20.97 -15.44
C ALA A 118 1.73 19.73 -15.06
N LEU A 119 1.41 18.62 -15.71
CA LEU A 119 2.04 17.36 -15.37
C LEU A 119 3.52 17.36 -15.75
N ARG A 120 3.88 18.03 -16.85
CA ARG A 120 5.30 18.15 -17.17
C ARG A 120 6.09 18.91 -16.09
N ALA A 121 5.44 19.88 -15.45
CA ALA A 121 6.07 20.67 -14.40
C ALA A 121 6.24 19.86 -13.13
N VAL A 122 5.30 18.94 -12.87
CA VAL A 122 5.43 18.00 -11.75
C VAL A 122 6.60 17.08 -11.98
N LEU A 123 6.75 16.58 -13.22
CA LEU A 123 7.89 15.74 -13.57
C LEU A 123 9.23 16.46 -13.37
N ARG A 124 9.31 17.72 -13.80
CA ARG A 124 10.50 18.53 -13.65
C ARG A 124 10.83 18.87 -12.19
N ARG A 125 9.80 19.14 -11.37
CA ARG A 125 10.01 19.56 -9.98
C ARG A 125 10.72 18.53 -9.14
N HIS A 126 10.38 17.26 -9.34
CA HIS A 126 10.77 16.20 -8.42
C HIS A 126 11.84 15.30 -9.02
N GLU A 127 12.98 15.26 -8.36
CA GLU A 127 14.09 14.45 -8.79
C GLU A 127 13.69 12.99 -9.00
N ILE A 128 12.85 12.46 -8.12
CA ILE A 128 12.51 11.04 -8.15
C ILE A 128 11.73 10.69 -9.43
N PHE A 129 11.19 11.72 -10.11
CA PHE A 129 10.50 11.50 -11.37
C PHE A 129 11.43 11.69 -12.56
N ARG A 130 12.69 12.05 -12.28
CA ARG A 130 13.75 12.07 -13.29
C ARG A 130 14.93 11.23 -12.82
N THR A 131 14.58 10.10 -12.23
CA THR A 131 15.55 9.18 -11.71
C THR A 131 15.55 7.85 -12.48
N GLY A 132 16.75 7.41 -12.85
CA GLY A 132 16.93 6.05 -13.29
C GLY A 132 17.61 5.18 -12.26
N PHE A 133 17.66 3.89 -12.52
CA PHE A 133 18.17 2.95 -11.56
C PHE A 133 19.12 2.02 -12.30
N ALA A 134 20.39 2.10 -11.98
CA ALA A 134 21.42 1.47 -12.84
C ALA A 134 22.21 0.49 -12.02
N ALA A 135 22.70 -0.56 -12.70
CA ALA A 135 23.57 -1.51 -12.06
C ALA A 135 24.83 -0.80 -11.63
N VAL A 136 25.34 -1.17 -10.46
CA VAL A 136 26.70 -0.83 -10.06
C VAL A 136 27.66 -2.01 -10.27
N GLY A 137 28.73 -1.80 -10.99
CA GLY A 137 29.63 -2.87 -11.34
C GLY A 137 29.14 -3.60 -12.56
N ASN A 138 29.96 -4.49 -13.10
CA ASN A 138 29.56 -5.26 -14.28
C ASN A 138 29.02 -6.66 -13.96
N ASN A 139 29.49 -7.27 -12.88
CA ASN A 139 28.96 -8.58 -12.46
C ASN A 139 28.72 -8.70 -10.95
N ALA A 140 27.77 -7.92 -10.47
CA ALA A 140 27.33 -7.96 -9.08
C ALA A 140 26.69 -9.31 -8.67
N ASP A 141 25.89 -9.91 -9.55
CA ASP A 141 25.42 -9.29 -10.78
C ASP A 141 24.49 -8.10 -10.47
N ALA A 142 23.63 -8.31 -9.48
CA ALA A 142 22.59 -7.36 -9.13
C ALA A 142 22.80 -6.82 -7.72
N THR A 143 24.00 -6.96 -7.19
CA THR A 143 24.27 -6.65 -5.78
C THR A 143 24.04 -5.19 -5.40
N SER A 144 24.34 -4.29 -6.33
CA SER A 144 23.94 -2.91 -6.17
C SER A 144 23.16 -2.38 -7.37
N LEU A 145 22.14 -1.60 -7.04
CA LEU A 145 21.53 -0.69 -7.97
C LEU A 145 21.82 0.66 -7.35
N ALA A 146 21.85 1.72 -8.14
CA ALA A 146 21.91 3.06 -7.58
C ALA A 146 20.96 3.97 -8.32
N GLN A 147 20.52 5.02 -7.65
CA GLN A 147 19.69 6.04 -8.28
C GLN A 147 20.57 7.02 -9.08
N ILE A 148 20.21 7.24 -10.33
CA ILE A 148 20.82 8.24 -11.14
C ILE A 148 19.86 9.37 -11.37
N VAL A 149 20.20 10.56 -10.89
CA VAL A 149 19.29 11.70 -11.02
C VAL A 149 19.68 12.48 -12.25
N PHE A 150 18.77 12.54 -13.21
CA PHE A 150 19.01 13.22 -14.46
C PHE A 150 18.57 14.66 -14.35
N GLY A 151 19.17 15.52 -15.17
CA GLY A 151 18.77 16.93 -15.20
C GLY A 151 17.35 17.10 -15.74
N ARG A 152 16.94 16.20 -16.62
CA ARG A 152 15.61 16.30 -17.21
C ARG A 152 14.89 14.95 -17.14
N THR A 153 13.56 14.98 -17.04
CA THR A 153 12.83 13.71 -16.95
C THR A 153 12.94 12.88 -18.22
N LYS A 154 12.82 11.58 -18.07
CA LYS A 154 12.60 10.67 -19.17
C LYS A 154 11.20 10.12 -19.21
N ASN A 155 10.33 10.57 -18.31
CA ASN A 155 8.96 10.21 -18.35
C ASN A 155 8.17 11.13 -19.23
N LYS A 156 7.01 10.65 -19.69
CA LYS A 156 6.18 11.40 -20.65
C LYS A 156 4.75 11.50 -20.15
N VAL A 157 4.09 12.53 -20.62
CA VAL A 157 2.66 12.74 -20.37
C VAL A 157 1.90 12.48 -21.65
N GLN A 158 0.76 11.80 -21.55
CA GLN A 158 -0.05 11.53 -22.73
C GLN A 158 -1.47 11.90 -22.51
N VAL A 159 -2.07 12.51 -23.54
CA VAL A 159 -3.49 12.80 -23.50
C VAL A 159 -4.09 12.10 -24.69
N ILE A 160 -4.90 11.06 -24.43
CA ILE A 160 -5.23 10.06 -25.46
C ILE A 160 -6.73 9.96 -25.72
N GLN A 161 -7.16 10.27 -26.95
CA GLN A 161 -8.55 10.10 -27.30
C GLN A 161 -8.91 8.61 -27.44
N VAL A 162 -9.98 8.20 -26.79
CA VAL A 162 -10.52 6.84 -26.98
C VAL A 162 -11.97 6.94 -27.44
N ALA A 163 -12.51 5.81 -27.84
CA ALA A 163 -13.82 5.77 -28.46
C ALA A 163 -14.91 5.97 -27.42
N ASP A 164 -14.67 5.51 -26.19
CA ASP A 164 -15.70 5.35 -25.19
C ASP A 164 -15.08 4.81 -23.92
N ARG A 165 -15.88 4.64 -22.89
CA ARG A 165 -15.33 4.17 -21.62
C ARG A 165 -14.58 2.84 -21.77
N ALA A 166 -15.17 1.91 -22.53
CA ALA A 166 -14.55 0.59 -22.72
C ALA A 166 -13.14 0.74 -23.33
N GLY A 167 -12.97 1.69 -24.24
CA GLY A 167 -11.63 2.03 -24.74
C GLY A 167 -10.67 2.52 -23.64
N ALA A 168 -11.16 3.41 -22.78
CA ALA A 168 -10.38 3.90 -21.65
C ALA A 168 -9.96 2.73 -20.72
N GLU A 169 -10.90 1.85 -20.39
CA GLU A 169 -10.61 0.73 -19.53
C GLU A 169 -9.59 -0.20 -20.17
N GLU A 170 -9.68 -0.36 -21.47
CA GLU A 170 -8.71 -1.18 -22.18
C GLU A 170 -7.30 -0.57 -22.05
N GLY A 171 -7.20 0.74 -22.21
CA GLY A 171 -5.94 1.43 -22.05
C GLY A 171 -5.39 1.24 -20.63
N TYR A 172 -6.27 1.38 -19.65
CA TYR A 172 -5.90 1.18 -18.25
C TYR A 172 -5.27 -0.20 -18.02
N TRP A 173 -5.93 -1.25 -18.47
CA TRP A 173 -5.40 -2.60 -18.28
C TRP A 173 -4.12 -2.87 -19.09
N GLN A 174 -3.91 -2.13 -20.19
CA GLN A 174 -2.60 -2.16 -20.85
C GLN A 174 -1.49 -1.52 -19.99
N LEU A 175 -1.84 -0.45 -19.27
CA LEU A 175 -0.88 0.22 -18.38
C LEU A 175 -0.53 -0.65 -17.17
N VAL A 176 -1.45 -1.52 -16.78
CA VAL A 176 -1.21 -2.48 -15.73
C VAL A 176 -0.11 -3.45 -16.12
N GLN A 177 0.02 -3.70 -17.42
CA GLN A 177 1.03 -4.63 -17.96
C GLN A 177 2.24 -3.91 -18.54
N THR A 178 2.42 -2.65 -18.21
CA THR A 178 3.47 -1.88 -18.85
C THR A 178 4.87 -2.37 -18.39
N GLN A 179 5.84 -2.26 -19.30
CA GLN A 179 7.23 -2.66 -19.00
C GLN A 179 8.06 -1.41 -18.69
N TYR A 180 8.28 -1.11 -17.42
CA TYR A 180 9.06 0.06 -17.06
C TYR A 180 10.55 -0.20 -17.36
N ASP A 181 11.17 0.67 -18.14
CA ASP A 181 12.63 0.56 -18.36
C ASP A 181 13.36 1.42 -17.32
N ILE A 182 13.45 0.92 -16.10
CA ILE A 182 13.90 1.80 -14.99
C ILE A 182 15.37 2.25 -15.15
N THR A 183 16.18 1.44 -15.86
CA THR A 183 17.53 1.83 -16.14
C THR A 183 17.59 3.15 -16.85
N ALA A 184 16.61 3.41 -17.72
CA ALA A 184 16.58 4.61 -18.54
C ALA A 184 15.74 5.76 -17.92
N GLY A 185 15.26 5.53 -16.70
CA GLY A 185 14.40 6.49 -16.04
C GLY A 185 12.97 6.49 -16.52
N ASP A 186 12.54 5.35 -17.07
CA ASP A 186 11.15 5.16 -17.47
C ASP A 186 10.42 4.47 -16.32
N THR A 187 9.74 5.27 -15.51
CA THR A 187 9.27 4.85 -14.20
C THR A 187 7.82 5.22 -13.91
N LEU A 188 7.19 6.01 -14.78
CA LEU A 188 5.84 6.56 -14.51
C LEU A 188 5.04 6.55 -15.81
N ARG A 189 3.73 6.42 -15.68
CA ARG A 189 2.83 6.78 -16.77
C ARG A 189 1.81 7.77 -16.25
N LEU A 190 1.64 8.87 -16.99
CA LEU A 190 0.63 9.88 -16.65
C LEU A 190 -0.24 10.11 -17.87
N VAL A 191 -1.46 9.56 -17.84
CA VAL A 191 -2.29 9.44 -19.04
C VAL A 191 -3.70 9.92 -18.76
N ASP A 192 -4.18 10.83 -19.61
CA ASP A 192 -5.56 11.32 -19.57
C ASP A 192 -6.29 10.72 -20.74
N PHE A 193 -6.97 9.59 -20.50
CA PHE A 193 -7.83 8.99 -21.57
C PHE A 193 -9.13 9.77 -21.62
N PHE A 194 -9.58 10.20 -22.83
CA PHE A 194 -10.75 11.08 -22.88
C PHE A 194 -11.66 10.69 -24.03
N TRP A 195 -12.96 10.88 -23.79
CA TRP A 195 -14.00 10.48 -24.76
C TRP A 195 -15.26 11.25 -24.48
N GLY A 196 -16.24 11.09 -25.37
CA GLY A 196 -17.59 11.60 -25.11
C GLY A 196 -17.61 13.09 -24.84
N LYS A 197 -18.56 13.50 -24.02
CA LYS A 197 -18.68 14.86 -23.58
C LYS A 197 -17.91 15.06 -22.28
N ASP A 198 -16.66 15.48 -22.42
CA ASP A 198 -15.79 15.78 -21.28
C ASP A 198 -15.75 14.61 -20.30
N GLU A 199 -15.68 13.39 -20.81
CA GLU A 199 -15.35 12.27 -19.94
C GLU A 199 -13.85 11.97 -19.95
N HIS A 200 -13.35 11.50 -18.79
CA HIS A 200 -11.94 11.18 -18.61
C HIS A 200 -11.75 9.95 -17.79
N LEU A 201 -10.61 9.30 -18.01
CA LEU A 201 -9.96 8.40 -17.04
C LEU A 201 -8.48 8.80 -16.92
N PHE A 202 -8.16 9.46 -15.83
CA PHE A 202 -6.82 9.97 -15.61
C PHE A 202 -6.05 8.95 -14.79
N VAL A 203 -4.97 8.43 -15.37
CA VAL A 203 -4.25 7.33 -14.79
C VAL A 203 -2.85 7.80 -14.37
N VAL A 204 -2.50 7.48 -13.13
CA VAL A 204 -1.18 7.55 -12.61
C VAL A 204 -0.66 6.13 -12.38
N ALA A 205 0.37 5.75 -13.13
CA ALA A 205 0.96 4.47 -13.00
C ALA A 205 2.43 4.64 -12.65
N TYR A 206 2.92 3.79 -11.77
CA TYR A 206 4.26 3.92 -11.23
C TYR A 206 4.92 2.61 -10.94
N HIS A 207 6.21 2.55 -11.29
CA HIS A 207 7.09 1.56 -10.74
C HIS A 207 7.15 1.74 -9.24
N ARG A 208 7.32 0.63 -8.52
CA ARG A 208 7.42 0.64 -7.06
C ARG A 208 8.41 1.67 -6.54
N PHE A 209 9.56 1.81 -7.20
CA PHE A 209 10.62 2.58 -6.63
C PHE A 209 10.32 4.10 -6.54
N VAL A 210 9.32 4.60 -7.28
CA VAL A 210 9.12 6.06 -7.44
C VAL A 210 7.83 6.60 -6.86
N GLY A 211 7.00 5.72 -6.29
CA GLY A 211 5.72 6.16 -5.79
C GLY A 211 5.13 5.38 -4.66
N ASP A 212 3.94 5.84 -4.23
CA ASP A 212 3.10 5.17 -3.22
C ASP A 212 1.83 5.99 -3.08
N GLY A 213 0.89 5.52 -2.25
CA GLY A 213 -0.45 6.14 -2.20
C GLY A 213 -0.38 7.65 -1.93
N SER A 214 0.49 8.07 -1.00
CA SER A 214 0.64 9.49 -0.75
C SER A 214 1.23 10.29 -1.90
N THR A 215 2.18 9.67 -2.60
CA THR A 215 2.71 10.27 -3.80
C THR A 215 1.65 10.47 -4.86
N THR A 216 0.80 9.49 -5.07
CA THR A 216 -0.31 9.64 -6.01
C THR A 216 -1.24 10.80 -5.65
N GLU A 217 -1.56 10.92 -4.35
CA GLU A 217 -2.34 12.07 -3.86
C GLU A 217 -1.62 13.36 -4.19
N ASN A 218 -0.31 13.39 -3.89
CA ASN A 218 0.48 14.62 -4.07
C ASN A 218 0.49 15.00 -5.57
N ILE A 219 0.62 14.02 -6.47
CA ILE A 219 0.65 14.33 -7.92
C ILE A 219 -0.65 15.04 -8.34
N PHE A 220 -1.80 14.47 -7.93
CA PHE A 220 -3.09 15.05 -8.28
C PHE A 220 -3.16 16.47 -7.74
N VAL A 221 -2.81 16.64 -6.48
CA VAL A 221 -2.89 17.95 -5.85
C VAL A 221 -1.97 19.00 -6.50
N GLU A 222 -0.73 18.62 -6.82
CA GLU A 222 0.16 19.53 -7.51
C GLU A 222 -0.33 19.87 -8.90
N ALA A 223 -0.81 18.85 -9.62
CA ALA A 223 -1.28 19.05 -10.98
C ALA A 223 -2.54 19.93 -11.04
N SER A 224 -3.42 19.74 -10.07
CA SER A 224 -4.62 20.56 -9.94
C SER A 224 -4.26 22.02 -9.70
N GLN A 225 -3.40 22.24 -8.72
CA GLN A 225 -3.02 23.61 -8.38
C GLN A 225 -2.35 24.27 -9.57
N LEU A 226 -1.43 23.55 -10.22
CA LEU A 226 -0.70 24.14 -11.36
C LEU A 226 -1.64 24.46 -12.51
N TYR A 227 -2.54 23.52 -12.79
CA TYR A 227 -3.56 23.74 -13.80
C TYR A 227 -4.37 25.01 -13.48
N GLY A 228 -4.69 25.19 -12.21
CA GLY A 228 -5.46 26.36 -11.77
C GLY A 228 -4.63 27.62 -11.58
N GLY A 229 -3.39 27.60 -12.04
CA GLY A 229 -2.54 28.79 -12.03
C GLY A 229 -1.88 29.14 -10.69
N VAL A 230 -1.87 28.21 -9.74
CA VAL A 230 -1.10 28.42 -8.50
C VAL A 230 0.39 28.35 -8.77
N THR A 231 1.16 29.13 -8.03
CA THR A 231 2.60 29.02 -8.03
C THR A 231 3.01 28.21 -6.80
N LEU A 232 3.51 27.02 -7.03
CA LEU A 232 3.92 26.18 -5.93
C LEU A 232 5.17 26.80 -5.31
N ASP A 233 5.47 26.40 -4.08
CA ASP A 233 6.69 26.79 -3.41
C ASP A 233 7.88 26.34 -4.23
N LYS A 234 8.92 27.17 -4.26
CA LYS A 234 10.19 26.86 -4.92
C LYS A 234 10.93 25.72 -4.21
N HIS A 235 10.80 25.67 -2.89
CA HIS A 235 11.45 24.65 -2.09
C HIS A 235 10.76 23.32 -2.39
N VAL A 236 11.56 22.31 -2.77
CA VAL A 236 11.01 20.93 -2.98
C VAL A 236 11.85 19.94 -2.21
N PRO A 237 11.23 19.20 -1.31
CA PRO A 237 11.97 18.19 -0.59
C PRO A 237 12.24 16.98 -1.47
N GLN A 238 13.49 16.76 -1.82
CA GLN A 238 13.78 15.77 -2.83
C GLN A 238 13.98 14.39 -2.16
N PHE A 239 13.62 13.34 -2.90
CA PHE A 239 13.58 11.98 -2.33
C PHE A 239 14.92 11.53 -1.79
N ALA A 240 15.99 11.71 -2.58
CA ALA A 240 17.29 11.20 -2.16
C ALA A 240 17.75 11.82 -0.87
N ASP A 241 17.54 13.12 -0.74
CA ASP A 241 17.89 13.85 0.50
C ASP A 241 17.19 13.21 1.72
N LEU A 242 15.90 12.96 1.59
CA LEU A 242 15.14 12.38 2.69
C LEU A 242 15.55 10.94 2.94
N ALA A 243 15.77 10.18 1.87
CA ALA A 243 16.17 8.76 2.01
C ALA A 243 17.57 8.62 2.67
N THR A 244 18.47 9.54 2.36
CA THR A 244 19.79 9.51 2.95
C THR A 244 19.74 9.79 4.45
N ARG A 245 18.86 10.70 4.87
CA ARG A 245 18.73 10.97 6.29
C ARG A 245 18.25 9.75 7.06
N GLN A 246 17.37 8.99 6.43
CA GLN A 246 16.87 7.79 7.05
C GLN A 246 17.96 6.71 7.13
N ARG A 247 18.74 6.59 6.08
CA ARG A 247 19.84 5.60 6.08
C ARG A 247 20.89 5.96 7.13
N GLU A 248 21.17 7.27 7.25
CA GLU A 248 22.15 7.75 8.24
C GLU A 248 21.69 7.52 9.66
N ALA A 249 20.38 7.63 9.89
CA ALA A 249 19.81 7.35 11.22
C ALA A 249 20.03 5.88 11.59
N LEU A 250 19.80 4.98 10.65
CA LEU A 250 20.08 3.56 10.88
C LEU A 250 21.57 3.34 11.16
N GLU A 251 22.44 3.85 10.27
CA GLU A 251 23.90 3.63 10.42
C GLU A 251 24.45 4.20 11.72
N SER A 252 23.90 5.30 12.16
CA SER A 252 24.44 6.03 13.32
C SER A 252 23.90 5.49 14.64
N GLY A 253 23.00 4.52 14.58
CA GLY A 253 22.51 3.88 15.77
C GLY A 253 21.25 4.48 16.30
N GLN A 254 20.67 5.41 15.57
CA GLN A 254 19.51 6.10 16.07
C GLN A 254 18.21 5.34 15.87
N MET A 255 18.24 4.26 15.09
CA MET A 255 17.10 3.37 15.01
C MET A 255 17.23 2.21 15.97
N ASP A 256 18.31 2.17 16.75
CA ASP A 256 18.61 0.95 17.51
C ASP A 256 17.53 0.65 18.54
N ALA A 257 16.98 1.68 19.18
CA ALA A 257 15.91 1.45 20.19
C ALA A 257 14.62 0.96 19.54
N ASP A 258 14.34 1.45 18.33
CA ASP A 258 13.16 1.00 17.58
C ASP A 258 13.32 -0.42 17.13
N LEU A 259 14.51 -0.75 16.65
CA LEU A 259 14.83 -2.11 16.27
C LEU A 259 14.72 -3.08 17.44
N ALA A 260 15.15 -2.68 18.63
CA ALA A 260 15.09 -3.55 19.80
C ALA A 260 13.63 -3.77 20.20
N TYR A 261 12.81 -2.75 20.04
CA TYR A 261 11.37 -2.86 20.32
C TYR A 261 10.74 -3.93 19.45
N TRP A 262 10.98 -3.84 18.15
CA TRP A 262 10.40 -4.83 17.24
C TRP A 262 11.03 -6.21 17.38
N GLU A 263 12.33 -6.25 17.64
CA GLU A 263 13.01 -7.52 17.78
C GLU A 263 12.53 -8.25 19.02
N SER A 264 12.35 -7.52 20.09
CA SER A 264 11.89 -8.15 21.33
C SER A 264 10.43 -8.65 21.16
N MET A 265 9.59 -7.85 20.49
CA MET A 265 8.21 -8.24 20.23
C MET A 265 8.14 -9.60 19.54
N HIS A 266 9.05 -9.79 18.57
CA HIS A 266 9.01 -10.95 17.68
C HIS A 266 9.96 -12.08 18.05
N HIS A 267 10.65 -11.90 19.16
CA HIS A 267 11.57 -12.96 19.63
C HIS A 267 10.79 -14.24 20.04
N GLN A 268 11.43 -15.38 19.80
CA GLN A 268 10.85 -16.65 20.05
C GLN A 268 11.76 -17.41 21.05
N PRO A 269 11.21 -18.41 21.76
CA PRO A 269 12.08 -19.41 22.44
C PRO A 269 13.02 -20.12 21.47
N THR A 270 14.18 -20.53 21.94
CA THR A 270 15.25 -20.94 21.05
C THR A 270 14.85 -22.06 20.08
N GLY A 271 14.01 -22.98 20.52
CA GLY A 271 13.45 -23.95 19.54
C GLY A 271 12.83 -23.30 18.29
N VAL A 272 11.99 -22.29 18.51
CA VAL A 272 10.63 -22.32 17.98
C VAL A 272 10.42 -21.37 16.81
N VAL A 273 9.95 -21.93 15.70
CA VAL A 273 9.77 -21.13 14.51
C VAL A 273 8.67 -20.11 14.76
N SER A 274 8.82 -18.93 14.20
CA SER A 274 7.74 -17.96 14.15
C SER A 274 6.47 -18.65 13.60
N PRO A 275 5.38 -18.65 14.39
CA PRO A 275 4.12 -19.17 13.88
C PRO A 275 3.63 -18.40 12.66
N VAL A 276 2.97 -19.09 11.75
CA VAL A 276 2.44 -18.48 10.59
C VAL A 276 0.92 -18.63 10.65
N LEU A 277 0.22 -17.66 10.10
CA LEU A 277 -1.20 -17.65 10.11
C LEU A 277 -1.76 -18.95 9.51
N PRO A 278 -2.70 -19.60 10.21
CA PRO A 278 -3.37 -20.76 9.61
C PRO A 278 -4.21 -20.42 8.41
N ARG A 279 -4.61 -21.44 7.65
CA ARG A 279 -5.64 -21.24 6.65
C ARG A 279 -6.94 -20.85 7.34
N MET A 280 -7.63 -19.87 6.77
CA MET A 280 -8.96 -19.46 7.28
C MET A 280 -10.04 -20.39 6.76
N LEU A 281 -10.98 -20.73 7.62
CA LEU A 281 -12.09 -21.58 7.22
C LEU A 281 -13.28 -20.72 6.78
N LEU A 282 -13.42 -20.60 5.47
CA LEU A 282 -14.33 -19.64 4.89
C LEU A 282 -15.70 -20.20 4.48
N GLY A 283 -15.73 -21.36 3.87
CA GLY A 283 -14.65 -22.02 3.18
C GLY A 283 -15.29 -22.24 1.82
N GLU A 284 -14.76 -23.10 0.97
CA GLU A 284 -15.34 -23.24 -0.36
C GLU A 284 -16.81 -23.70 -0.21
N ASP A 285 -17.10 -24.34 0.92
CA ASP A 285 -18.48 -24.47 1.36
C ASP A 285 -18.65 -24.00 2.81
N GLY A 286 -18.19 -24.79 3.78
CA GLY A 286 -17.53 -26.07 3.56
C GLY A 286 -17.67 -27.00 4.76
N LEU A 287 -17.41 -28.28 4.55
CA LEU A 287 -17.20 -29.24 5.64
C LEU A 287 -15.99 -30.06 5.27
N ASN A 288 -15.23 -30.50 6.27
CA ASN A 288 -14.04 -31.32 6.02
C ASN A 288 -13.01 -30.59 5.15
N SER A 289 -11.89 -30.24 5.77
CA SER A 289 -10.91 -29.35 5.17
C SER A 289 -10.29 -29.75 3.87
N PRO A 290 -10.13 -28.69 2.95
CA PRO A 290 -9.28 -29.04 1.81
C PRO A 290 -7.85 -29.32 2.24
N ASN A 291 -7.32 -28.49 3.10
CA ASN A 291 -5.96 -28.71 3.57
C ASN A 291 -5.02 -29.11 2.44
N HIS A 292 -5.04 -28.39 1.33
CA HIS A 292 -4.15 -28.75 0.23
C HIS A 292 -2.94 -27.86 0.22
N ALA A 293 -1.91 -28.29 -0.50
CA ALA A 293 -0.65 -27.60 -0.52
C ALA A 293 -0.90 -26.22 -1.10
N ARG A 294 -0.13 -25.25 -0.64
CA ARG A 294 -0.10 -23.95 -1.25
C ARG A 294 0.44 -24.05 -2.68
N GLN A 295 -0.32 -23.57 -3.64
CA GLN A 295 -0.01 -23.78 -5.06
C GLN A 295 0.69 -22.54 -5.65
N PRO A 296 1.98 -22.67 -6.05
CA PRO A 296 2.75 -21.52 -6.54
C PRO A 296 2.03 -20.78 -7.66
N ASN A 297 1.84 -19.48 -7.45
CA ASN A 297 1.03 -18.67 -8.35
C ASN A 297 1.58 -17.24 -8.53
N SER A 298 2.88 -17.04 -8.29
CA SER A 298 3.49 -15.70 -8.42
C SER A 298 2.63 -14.65 -7.68
N TRP A 299 2.14 -15.03 -6.50
CA TRP A 299 1.43 -14.14 -5.57
C TRP A 299 0.21 -13.54 -6.24
N LYS A 300 -0.39 -14.27 -7.17
CA LYS A 300 -1.66 -13.83 -7.72
C LYS A 300 -2.73 -13.81 -6.63
N GLN A 301 -3.55 -12.75 -6.62
CA GLN A 301 -4.58 -12.56 -5.60
C GLN A 301 -5.98 -12.51 -6.19
N HIS A 302 -6.92 -13.12 -5.49
CA HIS A 302 -8.34 -12.92 -5.76
C HIS A 302 -8.82 -11.78 -4.86
N GLU A 303 -9.76 -10.97 -5.35
CA GLU A 303 -10.26 -9.86 -4.52
C GLU A 303 -11.72 -9.61 -4.63
N ALA A 304 -12.22 -8.91 -3.62
CA ALA A 304 -13.59 -8.43 -3.63
C ALA A 304 -13.64 -7.07 -2.96
N ILE A 305 -14.55 -6.23 -3.40
CA ILE A 305 -14.65 -4.86 -2.94
C ILE A 305 -16.08 -4.54 -2.57
N ALA A 306 -16.26 -3.83 -1.45
CA ALA A 306 -17.61 -3.35 -1.05
C ALA A 306 -17.55 -2.01 -0.33
N ARG A 307 -18.63 -1.24 -0.47
CA ARG A 307 -18.87 -0.07 0.34
C ARG A 307 -19.56 -0.44 1.60
N LEU A 308 -19.14 0.19 2.69
CA LEU A 308 -19.75 -0.06 3.98
C LEU A 308 -20.98 0.83 4.11
N ASP A 309 -22.06 0.24 4.64
CA ASP A 309 -23.29 0.96 5.01
C ASP A 309 -22.96 2.22 5.82
N PRO A 310 -23.65 3.34 5.51
CA PRO A 310 -23.28 4.57 6.17
C PRO A 310 -23.71 4.65 7.63
N MET A 311 -24.70 3.84 8.02
CA MET A 311 -25.08 3.81 9.43
C MET A 311 -24.12 2.99 10.25
N VAL A 312 -23.52 1.95 9.63
CA VAL A 312 -22.46 1.19 10.31
C VAL A 312 -21.23 2.07 10.49
N ALA A 313 -20.89 2.82 9.48
CA ALA A 313 -19.75 3.77 9.57
C ALA A 313 -19.96 4.82 10.64
N PHE A 314 -21.19 5.31 10.74
CA PHE A 314 -21.59 6.28 11.77
C PHE A 314 -21.43 5.69 13.16
N ARG A 315 -21.95 4.48 13.40
CA ARG A 315 -21.82 3.84 14.70
C ARG A 315 -20.36 3.62 15.06
N ILE A 316 -19.56 3.26 14.08
CA ILE A 316 -18.17 3.08 14.34
C ILE A 316 -17.49 4.40 14.77
N ARG A 317 -17.84 5.51 14.13
CA ARG A 317 -17.27 6.79 14.56
C ARG A 317 -17.70 7.12 15.97
N GLU A 318 -18.97 6.87 16.28
CA GLU A 318 -19.51 7.20 17.63
C GLU A 318 -18.84 6.38 18.71
N ARG A 319 -18.83 5.06 18.54
CA ARG A 319 -18.31 4.16 19.57
C ARG A 319 -16.76 4.29 19.69
N SER A 320 -16.07 4.58 18.59
CA SER A 320 -14.64 4.89 18.64
C SER A 320 -14.36 6.12 19.52
N ARG A 321 -15.09 7.19 19.28
CA ARG A 321 -14.91 8.38 20.06
C ARG A 321 -15.17 8.07 21.51
N LYS A 322 -16.21 7.34 21.82
CA LYS A 322 -16.57 7.17 23.23
C LYS A 322 -15.56 6.30 23.95
N HIS A 323 -14.84 5.45 23.23
CA HIS A 323 -13.71 4.71 23.79
C HIS A 323 -12.37 5.41 23.69
N LYS A 324 -12.37 6.66 23.22
CA LYS A 324 -11.15 7.44 23.04
C LYS A 324 -10.22 6.81 22.03
N ALA A 325 -10.81 6.14 21.05
CA ALA A 325 -10.08 5.48 19.98
C ALA A 325 -10.45 6.10 18.62
N THR A 326 -9.75 5.70 17.58
CA THR A 326 -10.07 6.18 16.24
C THR A 326 -10.83 5.10 15.46
N PRO A 327 -11.56 5.50 14.41
CA PRO A 327 -12.21 4.51 13.57
C PRO A 327 -11.18 3.50 13.01
N MET A 328 -10.01 3.97 12.60
CA MET A 328 -8.97 3.03 12.14
C MET A 328 -8.73 1.91 13.12
N GLN A 329 -8.65 2.26 14.39
CA GLN A 329 -8.36 1.26 15.40
C GLN A 329 -9.51 0.29 15.59
N PHE A 330 -10.73 0.77 15.37
CA PHE A 330 -11.92 -0.09 15.39
C PHE A 330 -11.89 -1.10 14.21
N TYR A 331 -11.59 -0.61 13.02
CA TYR A 331 -11.53 -1.47 11.87
C TYR A 331 -10.41 -2.56 12.07
N LEU A 332 -9.28 -2.13 12.64
CA LEU A 332 -8.13 -3.02 12.83
C LEU A 332 -8.48 -4.08 13.89
N ALA A 333 -9.08 -3.64 14.99
CA ALA A 333 -9.47 -4.54 16.02
C ALA A 333 -10.46 -5.59 15.53
N ALA A 334 -11.44 -5.17 14.74
CA ALA A 334 -12.42 -6.06 14.21
C ALA A 334 -11.80 -7.05 13.21
N TYR A 335 -10.83 -6.58 12.43
CA TYR A 335 -10.11 -7.42 11.49
C TYR A 335 -9.35 -8.50 12.25
N HIS A 336 -8.66 -8.10 13.31
CA HIS A 336 -7.94 -9.05 14.15
C HIS A 336 -8.89 -10.10 14.70
N VAL A 337 -10.05 -9.66 15.24
CA VAL A 337 -11.02 -10.62 15.80
C VAL A 337 -11.52 -11.63 14.76
N LEU A 338 -11.78 -11.18 13.54
CA LEU A 338 -12.24 -12.08 12.52
C LEU A 338 -11.14 -13.06 12.11
N LEU A 339 -9.91 -12.58 12.00
CA LEU A 339 -8.81 -13.46 11.66
C LEU A 339 -8.65 -14.53 12.72
N ALA A 340 -8.72 -14.13 13.99
CA ALA A 340 -8.58 -15.10 15.08
C ALA A 340 -9.73 -16.12 14.99
N ARG A 341 -10.96 -15.65 14.80
CA ARG A 341 -12.08 -16.58 14.67
C ARG A 341 -11.89 -17.57 13.57
N LEU A 342 -11.51 -17.11 12.38
CA LEU A 342 -11.48 -17.97 11.21
C LEU A 342 -10.29 -18.93 11.21
N THR A 343 -9.21 -18.58 11.90
CA THR A 343 -8.00 -19.39 11.89
C THR A 343 -7.87 -20.28 13.11
N GLY A 344 -8.46 -19.87 14.22
CA GLY A 344 -8.21 -20.48 15.52
C GLY A 344 -6.86 -20.15 16.16
N SER A 345 -6.10 -19.22 15.59
CA SER A 345 -4.82 -18.85 16.15
C SER A 345 -4.99 -17.87 17.29
N SER A 346 -4.14 -17.97 18.29
CA SER A 346 -4.12 -17.02 19.39
C SER A 346 -2.80 -16.21 19.41
N ASP A 347 -1.98 -16.37 18.37
CA ASP A 347 -0.73 -15.61 18.28
C ASP A 347 -0.33 -15.48 16.81
N PHE A 348 -0.62 -14.30 16.25
CA PHE A 348 -0.26 -14.01 14.88
C PHE A 348 -0.05 -12.52 14.72
N SER A 349 0.51 -12.13 13.58
CA SER A 349 0.86 -10.72 13.40
C SER A 349 0.15 -10.12 12.20
N ILE A 350 -0.11 -8.82 12.32
CA ILE A 350 -0.71 -8.07 11.24
C ILE A 350 0.19 -6.92 10.88
N GLY A 351 0.57 -6.83 9.62
CA GLY A 351 1.32 -5.70 9.11
C GLY A 351 0.41 -4.50 8.95
N LEU A 352 0.64 -3.48 9.75
CA LEU A 352 -0.14 -2.24 9.65
C LEU A 352 0.56 -1.27 8.71
N ALA A 353 -0.09 -0.94 7.60
CA ALA A 353 0.49 -0.01 6.67
C ALA A 353 0.64 1.35 7.36
N ASP A 354 1.75 2.03 7.06
CA ASP A 354 1.98 3.36 7.59
C ASP A 354 2.71 4.17 6.53
N THR A 355 2.32 5.42 6.34
CA THR A 355 2.96 6.25 5.33
C THR A 355 4.44 6.54 5.58
N ASN A 356 4.84 6.50 6.85
CA ASN A 356 6.20 6.89 7.25
C ASN A 356 6.53 8.33 6.81
N ARG A 357 5.53 9.20 6.86
CA ARG A 357 5.73 10.61 6.61
C ARG A 357 5.32 11.34 7.89
N THR A 358 6.32 11.98 8.48
CA THR A 358 6.35 12.40 9.87
C THR A 358 6.63 13.91 10.09
N ASN A 359 6.72 14.68 9.01
CA ASN A 359 6.97 16.10 9.08
C ASN A 359 6.60 16.77 7.76
N VAL A 360 6.64 18.08 7.74
CA VAL A 360 6.11 18.82 6.63
C VAL A 360 6.77 18.39 5.33
N ASP A 361 8.08 18.27 5.33
CA ASP A 361 8.77 17.90 4.11
C ASP A 361 8.45 16.48 3.65
N GLU A 362 8.43 15.54 4.58
CA GLU A 362 8.08 14.17 4.25
C GLU A 362 6.68 14.05 3.67
N LEU A 363 5.75 14.85 4.17
CA LEU A 363 4.39 14.82 3.65
C LEU A 363 4.31 15.35 2.22
N ALA A 364 5.13 16.36 1.90
CA ALA A 364 5.08 17.05 0.59
C ALA A 364 5.89 16.36 -0.49
N GLY A 365 6.78 15.48 -0.09
CA GLY A 365 7.73 14.87 -1.01
C GLY A 365 7.07 13.81 -1.92
N MET A 366 7.72 13.52 -3.02
CA MET A 366 7.35 12.43 -3.87
C MET A 366 8.31 11.26 -3.67
N GLY A 367 7.80 10.06 -3.83
CA GLY A 367 8.59 8.86 -3.90
C GLY A 367 7.98 7.75 -3.04
N PHE A 368 8.78 6.72 -2.79
CA PHE A 368 8.32 5.51 -2.14
C PHE A 368 8.71 5.51 -0.67
N PHE A 369 7.80 5.99 0.18
CA PHE A 369 8.07 6.16 1.62
C PHE A 369 7.35 5.12 2.45
N ALA A 370 6.28 4.55 1.90
CA ALA A 370 5.35 3.68 2.66
C ALA A 370 6.02 2.46 3.30
N ASN A 371 5.46 2.03 4.42
CA ASN A 371 6.08 1.05 5.25
C ASN A 371 5.00 0.10 5.83
N LEU A 372 5.45 -0.94 6.51
CA LEU A 372 4.58 -1.84 7.22
C LEU A 372 5.13 -2.05 8.62
N LEU A 373 4.25 -1.97 9.62
CA LEU A 373 4.61 -2.17 11.03
C LEU A 373 4.04 -3.50 11.50
N PRO A 374 4.91 -4.41 11.99
CA PRO A 374 4.43 -5.76 12.20
C PRO A 374 3.89 -5.97 13.59
N LEU A 375 2.60 -5.70 13.78
CA LEU A 375 2.01 -5.79 15.10
C LEU A 375 1.80 -7.28 15.45
N ARG A 376 2.25 -7.69 16.64
CA ARG A 376 2.01 -9.05 17.06
C ARG A 376 0.81 -9.04 18.02
N PHE A 377 -0.19 -9.85 17.73
CA PHE A 377 -1.34 -9.99 18.61
C PHE A 377 -1.24 -11.37 19.30
N ARG A 378 -0.69 -11.42 20.50
CA ARG A 378 -0.22 -12.73 20.97
C ARG A 378 -1.06 -13.46 22.03
N ASN A 379 -1.40 -12.82 23.12
CA ASN A 379 -1.85 -13.59 24.30
C ASN A 379 -3.38 -13.65 24.32
N PHE A 380 -3.98 -14.13 23.23
CA PHE A 380 -5.39 -13.85 22.90
C PHE A 380 -6.46 -14.41 23.87
N VAL A 381 -7.41 -13.55 24.23
CA VAL A 381 -8.40 -13.86 25.27
C VAL A 381 -9.82 -13.59 24.73
N PRO A 382 -10.57 -14.66 24.42
CA PRO A 382 -11.83 -14.51 23.68
C PRO A 382 -12.99 -13.93 24.49
N HIS A 383 -12.87 -13.92 25.84
CA HIS A 383 -14.00 -13.51 26.68
C HIS A 383 -14.01 -12.03 27.04
N ILE A 384 -12.97 -11.28 26.64
CA ILE A 384 -13.02 -9.82 26.83
C ILE A 384 -14.01 -9.22 25.83
N THR A 385 -14.51 -8.03 26.15
CA THR A 385 -15.50 -7.39 25.31
C THR A 385 -14.77 -6.70 24.15
N PHE A 386 -15.53 -6.38 23.10
CA PHE A 386 -14.94 -5.69 21.97
C PHE A 386 -14.45 -4.33 22.42
N GLY A 387 -15.22 -3.65 23.28
CA GLY A 387 -14.80 -2.36 23.78
C GLY A 387 -13.45 -2.40 24.45
N GLU A 388 -13.23 -3.41 25.28
CA GLU A 388 -11.94 -3.62 25.94
C GLU A 388 -10.82 -3.87 24.92
N HIS A 389 -11.15 -4.65 23.90
CA HIS A 389 -10.18 -5.00 22.87
C HIS A 389 -9.84 -3.78 22.03
N LEU A 390 -10.84 -2.92 21.82
CA LEU A 390 -10.64 -1.69 21.09
C LEU A 390 -9.66 -0.79 21.81
N VAL A 391 -9.83 -0.65 23.11
CA VAL A 391 -8.95 0.20 23.86
C VAL A 391 -7.55 -0.39 23.86
N ALA A 392 -7.44 -1.70 24.01
CA ALA A 392 -6.12 -2.35 24.04
C ALA A 392 -5.45 -2.23 22.67
N THR A 393 -6.25 -2.29 21.63
CA THR A 393 -5.72 -2.18 20.27
C THR A 393 -5.28 -0.73 20.00
N LYS A 394 -6.05 0.24 20.47
CA LYS A 394 -5.62 1.62 20.47
C LYS A 394 -4.23 1.80 21.14
N ASP A 395 -4.02 1.23 22.32
CA ASP A 395 -2.73 1.37 23.01
C ASP A 395 -1.59 0.69 22.23
N LYS A 396 -1.90 -0.43 21.60
CA LYS A 396 -0.92 -1.21 20.82
C LYS A 396 -0.45 -0.40 19.61
N VAL A 397 -1.39 0.27 18.96
CA VAL A 397 -1.07 1.11 17.81
C VAL A 397 -0.30 2.36 18.20
N ARG A 398 -0.70 2.98 19.29
CA ARG A 398 0.01 4.17 19.77
C ARG A 398 1.45 3.81 20.13
N GLU A 399 1.65 2.65 20.73
CA GLU A 399 3.01 2.22 21.07
C GLU A 399 3.82 1.93 19.80
N ALA A 400 3.21 1.23 18.86
CA ALA A 400 3.86 0.97 17.58
C ALA A 400 4.30 2.27 16.92
N MET A 401 3.46 3.31 17.00
CA MET A 401 3.71 4.56 16.30
C MET A 401 4.86 5.36 16.91
N GLN A 402 5.25 5.00 18.12
CA GLN A 402 6.48 5.53 18.69
C GLN A 402 7.75 4.93 18.06
N HIS A 403 7.59 3.84 17.32
CA HIS A 403 8.74 3.12 16.80
C HIS A 403 8.49 2.87 15.33
N ALA A 404 7.85 3.80 14.67
CA ALA A 404 7.38 3.57 13.30
C ALA A 404 8.45 3.76 12.19
N ARG A 405 9.61 4.32 12.53
CA ARG A 405 10.57 4.77 11.52
C ARG A 405 11.41 3.65 10.91
N VAL A 406 11.30 2.43 11.42
CA VAL A 406 12.09 1.35 10.91
C VAL A 406 11.46 0.74 9.65
N PRO A 407 12.16 0.82 8.50
CA PRO A 407 11.66 0.15 7.29
C PRO A 407 11.60 -1.39 7.51
N TYR A 408 10.47 -2.02 7.23
CA TYR A 408 10.25 -3.40 7.70
C TYR A 408 11.31 -4.36 7.11
N GLY A 409 11.80 -4.08 5.90
CA GLY A 409 12.83 -4.93 5.29
C GLY A 409 14.11 -4.97 6.11
N VAL A 410 14.45 -3.87 6.78
CA VAL A 410 15.63 -3.96 7.67
C VAL A 410 15.39 -4.78 8.91
N LEU A 411 14.16 -4.77 9.42
CA LEU A 411 13.78 -5.72 10.50
C LEU A 411 13.86 -7.15 10.04
N LEU A 412 13.22 -7.44 8.92
CA LEU A 412 13.23 -8.77 8.40
C LEU A 412 14.66 -9.33 8.28
N GLU A 413 15.57 -8.52 7.75
CA GLU A 413 16.95 -8.94 7.56
C GLU A 413 17.62 -9.20 8.90
N ARG A 414 17.40 -8.30 9.83
CA ARG A 414 17.92 -8.48 11.17
C ARG A 414 17.45 -9.73 11.85
N LEU A 415 16.21 -10.12 11.59
CA LEU A 415 15.61 -11.29 12.20
C LEU A 415 16.00 -12.58 11.46
N GLY A 416 16.69 -12.47 10.34
CA GLY A 416 17.21 -13.61 9.65
C GLY A 416 16.34 -14.21 8.58
N PHE A 417 15.33 -13.46 8.11
CA PHE A 417 14.43 -14.01 7.14
C PHE A 417 15.01 -13.98 5.74
N GLU A 418 14.56 -14.94 4.92
CA GLU A 418 14.83 -14.91 3.49
C GLU A 418 13.85 -13.96 2.75
N VAL A 419 14.31 -13.40 1.65
CA VAL A 419 13.43 -12.64 0.76
C VAL A 419 12.45 -13.58 0.05
N PRO A 420 11.15 -13.32 0.16
CA PRO A 420 10.23 -14.24 -0.49
C PRO A 420 10.19 -14.06 -2.00
N GLY A 421 9.90 -15.15 -2.71
CA GLY A 421 9.94 -15.14 -4.18
C GLY A 421 8.59 -15.34 -4.79
N ALA A 422 8.22 -14.42 -5.69
CA ALA A 422 6.98 -14.56 -6.43
C ALA A 422 7.23 -15.36 -7.69
N THR A 423 7.07 -16.67 -7.61
CA THR A 423 7.45 -17.55 -8.73
C THR A 423 6.34 -18.60 -9.03
N ALA A 424 6.61 -19.44 -10.02
CA ALA A 424 5.76 -20.59 -10.30
C ALA A 424 6.22 -21.88 -9.58
N GLU A 425 7.32 -21.82 -8.82
CA GLU A 425 7.85 -23.02 -8.13
C GLU A 425 7.77 -23.00 -6.59
N THR A 426 7.53 -21.84 -5.99
CA THR A 426 7.30 -21.77 -4.54
C THR A 426 6.06 -20.94 -4.24
N ALA A 427 5.43 -21.19 -3.11
CA ALA A 427 4.37 -20.29 -2.61
C ALA A 427 4.40 -20.14 -1.09
N GLU A 428 5.62 -19.98 -0.57
CA GLU A 428 5.86 -19.86 0.87
C GLU A 428 5.09 -18.68 1.43
N PRO A 429 4.58 -18.81 2.65
CA PRO A 429 4.04 -17.64 3.33
C PRO A 429 5.06 -16.51 3.42
N ALA A 430 4.57 -15.29 3.47
CA ALA A 430 5.39 -14.13 3.73
C ALA A 430 6.16 -14.29 5.03
N PRO A 431 7.38 -13.69 5.10
CA PRO A 431 8.09 -13.67 6.40
C PRO A 431 7.40 -12.85 7.46
N LEU A 432 7.36 -13.42 8.67
CA LEU A 432 7.00 -12.68 9.92
C LEU A 432 5.52 -12.42 10.11
N PHE A 433 4.87 -11.88 9.09
CA PHE A 433 3.42 -11.71 9.16
C PHE A 433 2.79 -12.06 7.83
N GLN A 434 1.55 -12.57 7.86
CA GLN A 434 0.89 -13.06 6.66
C GLN A 434 -0.43 -12.35 6.39
N ALA A 435 -0.75 -11.40 7.26
CA ALA A 435 -1.91 -10.54 7.11
C ALA A 435 -1.46 -9.08 7.13
N VAL A 436 -2.12 -8.25 6.30
CA VAL A 436 -1.87 -6.81 6.28
C VAL A 436 -3.19 -6.06 6.40
N PHE A 437 -3.12 -4.88 7.03
CA PHE A 437 -4.19 -3.94 7.16
C PHE A 437 -3.70 -2.57 6.70
N ASP A 438 -4.39 -1.99 5.74
CA ASP A 438 -3.98 -0.69 5.17
C ASP A 438 -5.17 0.23 5.10
N TYR A 439 -5.15 1.26 5.96
CA TYR A 439 -6.27 2.19 6.08
C TYR A 439 -5.79 3.59 5.74
N LYS A 440 -6.54 4.25 4.89
CA LYS A 440 -6.31 5.66 4.58
C LYS A 440 -7.59 6.51 4.60
N GLN A 441 -7.43 7.79 4.97
CA GLN A 441 -8.54 8.70 5.20
C GLN A 441 -8.58 9.94 4.28
N GLY A 442 -7.73 10.02 3.28
CA GLY A 442 -7.73 11.23 2.43
C GLY A 442 -9.08 11.68 1.84
N GLN A 443 -9.13 12.88 1.32
CA GLN A 443 -10.21 13.26 0.44
C GLN A 443 -9.73 13.25 -0.99
N ALA A 444 -10.22 12.25 -1.76
CA ALA A 444 -9.95 12.13 -3.20
C ALA A 444 -10.14 13.47 -3.95
N GLU A 445 -11.15 14.23 -3.54
CA GLU A 445 -11.59 15.40 -4.28
C GLU A 445 -10.60 16.59 -4.11
N SER A 446 -9.72 16.50 -3.12
CA SER A 446 -8.69 17.55 -2.93
C SER A 446 -7.80 17.68 -4.17
N GLY A 447 -7.69 16.58 -4.94
CA GLY A 447 -6.94 16.59 -6.24
C GLY A 447 -7.81 16.69 -7.50
N SER A 448 -8.99 17.31 -7.39
CA SER A 448 -9.84 17.51 -8.61
C SER A 448 -9.27 18.55 -9.50
N ILE A 449 -9.45 18.37 -10.82
CA ILE A 449 -8.64 19.07 -11.83
C ILE A 449 -9.55 19.81 -12.76
N GLY A 450 -9.36 21.13 -12.86
CA GLY A 450 -10.15 21.95 -13.75
C GLY A 450 -11.60 21.92 -13.36
N SER A 451 -12.47 21.58 -14.30
CA SER A 451 -13.90 21.47 -14.02
C SER A 451 -14.33 20.03 -13.96
N ALA A 452 -13.38 19.12 -13.93
CA ALA A 452 -13.73 17.73 -13.88
C ALA A 452 -13.92 17.30 -12.43
N LYS A 453 -14.96 16.54 -12.18
CA LYS A 453 -15.19 15.97 -10.87
C LYS A 453 -14.98 14.47 -10.92
N MET A 454 -14.31 13.94 -9.92
CA MET A 454 -14.08 12.52 -9.83
C MET A 454 -15.29 11.76 -9.44
N THR A 455 -15.47 10.60 -10.03
CA THR A 455 -16.63 9.81 -9.74
C THR A 455 -16.28 8.43 -9.16
N GLU A 456 -15.10 7.91 -9.47
CA GLU A 456 -14.81 6.47 -9.30
C GLU A 456 -13.32 6.23 -9.45
N VAL A 457 -12.74 5.39 -8.59
CA VAL A 457 -11.32 5.01 -8.74
C VAL A 457 -11.20 3.52 -9.07
N ILE A 458 -10.25 3.18 -9.93
CA ILE A 458 -9.87 1.79 -10.19
C ILE A 458 -8.42 1.74 -9.73
N ALA A 459 -8.11 0.80 -8.85
CA ALA A 459 -6.78 0.69 -8.29
C ALA A 459 -6.24 -0.71 -8.47
N THR A 460 -5.07 -0.81 -9.07
CA THR A 460 -4.37 -2.09 -9.15
C THR A 460 -2.94 -1.90 -8.60
N ARG A 461 -2.78 -2.17 -7.32
CA ARG A 461 -1.48 -2.11 -6.67
C ARG A 461 -0.70 -3.38 -6.95
N GLU A 462 0.61 -3.33 -6.75
CA GLU A 462 1.48 -4.47 -6.90
C GLU A 462 0.97 -5.65 -6.13
N ARG A 463 1.31 -6.84 -6.61
CA ARG A 463 1.10 -8.06 -5.82
C ARG A 463 2.03 -8.05 -4.63
N THR A 464 1.61 -8.75 -3.58
CA THR A 464 2.38 -8.91 -2.37
C THR A 464 2.24 -10.37 -1.93
N PRO A 465 3.09 -10.83 -0.99
CA PRO A 465 3.09 -12.23 -0.64
C PRO A 465 2.05 -12.61 0.40
N TYR A 466 1.34 -11.61 0.94
CA TYR A 466 0.52 -11.84 2.14
C TYR A 466 -0.75 -12.67 1.86
N ASP A 467 -1.08 -13.57 2.79
CA ASP A 467 -2.24 -14.45 2.64
C ASP A 467 -3.53 -13.64 2.53
N VAL A 468 -3.66 -12.62 3.38
CA VAL A 468 -4.88 -11.82 3.46
C VAL A 468 -4.51 -10.36 3.65
N VAL A 469 -5.10 -9.53 2.82
CA VAL A 469 -4.86 -8.10 2.85
C VAL A 469 -6.22 -7.43 2.85
N LEU A 470 -6.41 -6.53 3.81
CA LEU A 470 -7.58 -5.67 3.86
C LEU A 470 -7.10 -4.23 3.66
N GLU A 471 -7.51 -3.62 2.54
CA GLU A 471 -7.21 -2.22 2.25
C GLU A 471 -8.52 -1.46 2.32
N MET A 472 -8.52 -0.32 3.02
CA MET A 472 -9.71 0.50 3.17
C MET A 472 -9.40 1.94 2.83
N SER A 473 -10.38 2.61 2.23
CA SER A 473 -10.41 4.07 2.14
C SER A 473 -11.57 4.54 3.00
N ASP A 474 -11.34 5.63 3.71
CA ASP A 474 -12.38 6.22 4.57
C ASP A 474 -12.37 7.72 4.27
N ASP A 475 -12.82 8.07 3.07
CA ASP A 475 -12.88 9.48 2.61
C ASP A 475 -14.08 10.10 3.34
N PRO A 476 -13.84 11.19 4.09
CA PRO A 476 -14.88 11.66 5.06
C PRO A 476 -16.14 12.13 4.39
N THR A 477 -16.09 12.33 3.08
CA THR A 477 -17.25 12.77 2.31
C THR A 477 -17.90 11.65 1.50
N LYS A 478 -17.44 10.42 1.68
CA LYS A 478 -18.06 9.24 1.05
C LYS A 478 -18.36 8.22 2.16
N ASP A 479 -18.64 6.97 1.78
CA ASP A 479 -18.69 5.85 2.74
C ASP A 479 -17.39 5.00 2.62
N PRO A 480 -17.02 4.31 3.67
CA PRO A 480 -15.79 3.58 3.59
C PRO A 480 -15.79 2.51 2.48
N LEU A 481 -14.68 2.37 1.78
CA LEU A 481 -14.54 1.39 0.72
C LEU A 481 -13.56 0.30 1.16
N LEU A 482 -14.01 -0.94 1.14
CA LEU A 482 -13.23 -2.05 1.66
C LEU A 482 -12.82 -2.95 0.50
N THR A 483 -11.54 -3.31 0.46
CA THR A 483 -11.02 -4.25 -0.52
C THR A 483 -10.32 -5.37 0.25
N VAL A 484 -10.74 -6.61 -0.01
CA VAL A 484 -10.07 -7.80 0.54
C VAL A 484 -9.40 -8.61 -0.59
N LYS A 485 -8.13 -8.91 -0.37
CA LYS A 485 -7.31 -9.70 -1.31
C LYS A 485 -6.84 -10.94 -0.59
N LEU A 486 -7.01 -12.09 -1.25
CA LEU A 486 -6.53 -13.39 -0.75
C LEU A 486 -5.61 -14.06 -1.77
N GLN A 487 -4.57 -14.73 -1.29
CA GLN A 487 -3.65 -15.42 -2.18
C GLN A 487 -4.40 -16.57 -2.90
N SER A 488 -4.30 -16.61 -4.22
CA SER A 488 -4.91 -17.71 -5.03
C SER A 488 -4.20 -19.03 -4.72
N SER A 489 -3.01 -18.96 -4.15
CA SER A 489 -2.25 -20.17 -3.81
C SER A 489 -2.91 -20.95 -2.68
N VAL A 490 -3.76 -20.27 -1.93
CA VAL A 490 -4.38 -20.85 -0.75
C VAL A 490 -5.91 -20.84 -0.88
N TYR A 491 -6.45 -19.78 -1.50
CA TYR A 491 -7.88 -19.47 -1.44
C TYR A 491 -8.53 -19.49 -2.78
N GLU A 492 -9.85 -19.64 -2.77
CA GLU A 492 -10.64 -19.74 -3.99
C GLU A 492 -11.20 -18.39 -4.40
N VAL A 493 -11.74 -18.35 -5.62
CA VAL A 493 -12.22 -17.12 -6.22
C VAL A 493 -13.37 -16.48 -5.41
N HIS A 494 -14.18 -17.29 -4.75
CA HIS A 494 -15.31 -16.72 -3.98
C HIS A 494 -14.95 -16.40 -2.53
N HIS A 495 -13.73 -16.72 -2.11
CA HIS A 495 -13.38 -16.52 -0.70
C HIS A 495 -13.20 -15.06 -0.28
N PRO A 496 -12.65 -14.19 -1.16
CA PRO A 496 -12.56 -12.80 -0.70
C PRO A 496 -13.93 -12.21 -0.33
N ARG A 497 -14.94 -12.47 -1.17
CA ARG A 497 -16.29 -11.99 -0.86
C ARG A 497 -16.85 -12.60 0.44
N ALA A 498 -16.57 -13.87 0.69
CA ALA A 498 -17.02 -14.51 1.92
C ALA A 498 -16.36 -13.87 3.17
N PHE A 499 -15.07 -13.57 3.08
CA PHE A 499 -14.38 -12.84 4.14
C PHE A 499 -14.92 -11.44 4.34
N LEU A 500 -15.12 -10.74 3.24
CA LEU A 500 -15.61 -9.38 3.29
C LEU A 500 -17.01 -9.31 3.89
N GLU A 501 -17.85 -10.29 3.55
CA GLU A 501 -19.19 -10.34 4.11
C GLU A 501 -19.13 -10.58 5.61
N SER A 502 -18.30 -11.53 6.03
CA SER A 502 -18.11 -11.81 7.47
C SER A 502 -17.56 -10.61 8.24
N TYR A 503 -16.67 -9.85 7.59
CA TYR A 503 -16.08 -8.68 8.19
C TYR A 503 -17.13 -7.58 8.36
N ILE A 504 -17.92 -7.36 7.33
CA ILE A 504 -18.98 -6.35 7.42
C ILE A 504 -19.97 -6.73 8.51
N SER A 505 -20.32 -8.00 8.57
CA SER A 505 -21.18 -8.49 9.66
C SER A 505 -20.61 -8.23 11.05
N ILE A 506 -19.33 -8.47 11.21
CA ILE A 506 -18.70 -8.31 12.51
C ILE A 506 -18.58 -6.84 12.89
N LEU A 507 -18.34 -5.97 11.91
CA LEU A 507 -18.34 -4.52 12.14
C LEU A 507 -19.72 -4.05 12.53
N SER A 508 -20.72 -4.58 11.88
CA SER A 508 -22.08 -4.16 12.19
C SER A 508 -22.45 -4.60 13.62
N MET A 509 -22.07 -5.82 13.98
CA MET A 509 -22.46 -6.36 15.29
C MET A 509 -21.74 -5.63 16.42
N PHE A 510 -20.43 -5.45 16.30
CA PHE A 510 -19.67 -4.82 17.38
C PHE A 510 -19.95 -3.33 17.51
N SER A 511 -20.26 -2.67 16.39
CA SER A 511 -20.52 -1.27 16.42
C SER A 511 -21.93 -1.02 16.98
N MET A 512 -22.81 -2.01 16.84
CA MET A 512 -24.14 -1.98 17.51
C MET A 512 -23.98 -2.23 19.02
N ASN A 513 -23.09 -3.14 19.39
CA ASN A 513 -22.93 -3.56 20.77
C ASN A 513 -21.50 -3.95 21.09
N PRO A 514 -20.71 -3.00 21.60
CA PRO A 514 -19.31 -3.24 21.96
C PRO A 514 -19.14 -3.99 23.26
N ALA A 515 -20.23 -4.33 23.93
CA ALA A 515 -20.13 -5.14 25.13
C ALA A 515 -20.05 -6.62 24.82
N LEU A 516 -20.26 -6.98 23.57
CA LEU A 516 -20.24 -8.36 23.17
C LEU A 516 -18.82 -8.90 23.34
N LYS A 517 -18.69 -10.19 23.61
CA LYS A 517 -17.36 -10.83 23.73
C LYS A 517 -16.76 -11.11 22.37
N LEU A 518 -15.43 -11.27 22.35
CA LEU A 518 -14.73 -11.51 21.09
C LEU A 518 -15.11 -12.85 20.41
N ALA A 519 -15.33 -13.89 21.21
CA ALA A 519 -15.69 -15.20 20.65
C ALA A 519 -16.18 -16.14 21.74
#